data_5AGT
#
_entry.id   5AGT
#
_cell.length_a   43.830
_cell.length_b   61.880
_cell.length_c   76.880
_cell.angle_alpha   90.00
_cell.angle_beta   90.00
_cell.angle_gamma   90.00
#
_symmetry.space_group_name_H-M   'P 21 21 21'
#
loop_
_entity.id
_entity.type
_entity.pdbx_description
1 polymer 'LEUCINE--TRNA LIGASE'
2 non-polymer METHIONINE
3 non-polymer '4-Chloro-3-aminomethyl-7-[ethoxy]-3H-benzo[C][1,2]oxaborol-1-ol modified adenosine'
4 non-polymer GLYCEROL
5 water water
#
_entity_poly.entity_id   1
_entity_poly.type   'polypeptide(L)'
_entity_poly.pdbx_seq_one_letter_code
;MKHHHHHHPMSDYDIPTTENLYFQGAMGRSTGAVALFSARAASDDGFEVDIEVFTTRPDTLFGATYLVLAPEHDLVDELV
AASWPAGVNPLWTYGGGTPGEAIAAYRRAIAAKSDLERQESREKTGVFLGSYAINPANGEPVPIFIADYVLAGYGTGAIM
AVPGHDQRDWDFARAFGLPIVEVIAGGNISESAYTGDGILVNSDYLNGMSVPAAKRAIVDRLESAGRGRARI
;
_entity_poly.pdbx_strand_id   A
#
# COMPACT_ATOMS: atom_id res chain seq x y z
N GLY A 32 -9.12 12.62 -6.12
CA GLY A 32 -8.02 11.92 -5.38
C GLY A 32 -7.88 12.37 -3.93
N ALA A 33 -6.89 11.79 -3.25
CA ALA A 33 -6.54 12.23 -1.91
C ALA A 33 -5.10 11.88 -1.64
N VAL A 34 -4.46 12.67 -0.76
CA VAL A 34 -3.17 12.29 -0.21
C VAL A 34 -3.40 11.98 1.26
N ALA A 35 -2.67 10.99 1.76
CA ALA A 35 -2.83 10.58 3.15
C ALA A 35 -1.48 10.14 3.68
N LEU A 36 -1.27 10.35 4.97
CA LEU A 36 -0.06 9.94 5.67
C LEU A 36 -0.28 8.63 6.41
N PHE A 37 0.72 7.77 6.31
CA PHE A 37 0.84 6.57 7.12
C PHE A 37 2.11 6.75 7.96
N SER A 38 1.97 6.71 9.28
CA SER A 38 3.13 6.82 10.16
CA SER A 38 3.12 6.83 10.16
C SER A 38 3.94 5.54 10.16
N ALA A 39 5.27 5.67 10.14
CA ALA A 39 6.12 4.50 10.39
C ALA A 39 5.81 4.05 11.81
N ARG A 40 5.68 2.74 12.03
CA ARG A 40 5.43 2.21 13.36
CA ARG A 40 5.43 2.22 13.36
C ARG A 40 6.61 2.49 14.28
N ALA A 41 7.82 2.29 13.76
CA ALA A 41 9.04 2.53 14.52
C ALA A 41 9.48 3.97 14.30
N VAL A 49 8.64 9.07 11.14
CA VAL A 49 8.67 9.18 9.68
C VAL A 49 7.26 8.97 9.14
N ASP A 50 6.81 9.86 8.26
CA ASP A 50 5.50 9.73 7.61
C ASP A 50 5.68 9.39 6.14
N ILE A 51 4.89 8.43 5.67
CA ILE A 51 4.87 8.04 4.27
C ILE A 51 3.59 8.61 3.67
N GLU A 52 3.75 9.51 2.70
CA GLU A 52 2.60 10.08 2.01
C GLU A 52 2.24 9.21 0.81
N VAL A 53 0.98 8.83 0.72
CA VAL A 53 0.46 8.10 -0.44
C VAL A 53 -0.53 8.96 -1.21
N PHE A 54 -0.64 8.73 -2.51
CA PHE A 54 -1.70 9.30 -3.31
C PHE A 54 -2.65 8.16 -3.70
N THR A 55 -3.94 8.37 -3.48
CA THR A 55 -4.96 7.41 -3.86
C THR A 55 -6.15 8.08 -4.53
N THR A 56 -6.72 7.41 -5.52
CA THR A 56 -7.99 7.82 -6.11
C THR A 56 -9.18 7.17 -5.41
N ARG A 57 -8.92 6.31 -4.40
CA ARG A 57 -9.95 5.58 -3.68
C ARG A 57 -9.72 5.69 -2.18
N PRO A 58 -9.77 6.92 -1.64
CA PRO A 58 -9.59 7.05 -0.18
C PRO A 58 -10.69 6.36 0.62
N ASP A 59 -11.85 6.13 0.01
CA ASP A 59 -12.95 5.38 0.61
C ASP A 59 -12.55 3.98 1.05
N THR A 60 -11.50 3.40 0.43
CA THR A 60 -11.07 2.02 0.69
C THR A 60 -9.99 1.90 1.77
N LEU A 61 -9.74 2.98 2.51
N LEU A 61 -9.75 2.98 2.51
CA LEU A 61 -8.65 3.02 3.48
CA LEU A 61 -8.66 3.05 3.48
C LEU A 61 -8.64 1.87 4.49
C LEU A 61 -8.65 1.89 4.49
N PHE A 62 -9.83 1.44 4.95
CA PHE A 62 -9.90 0.33 5.92
C PHE A 62 -9.52 -1.02 5.30
N GLY A 63 -9.36 -1.05 3.97
CA GLY A 63 -8.90 -2.23 3.25
C GLY A 63 -7.46 -2.17 2.77
N ALA A 64 -6.72 -1.16 3.22
CA ALA A 64 -5.30 -1.03 2.88
C ALA A 64 -4.48 -1.91 3.81
N THR A 65 -3.92 -2.98 3.25
CA THR A 65 -3.26 -4.01 4.05
C THR A 65 -1.75 -4.01 3.92
N TYR A 66 -1.20 -3.18 3.04
CA TYR A 66 0.25 -2.98 2.96
C TYR A 66 0.53 -1.71 2.19
N LEU A 67 1.76 -1.23 2.26
CA LEU A 67 2.19 -0.05 1.51
C LEU A 67 3.24 -0.48 0.53
N VAL A 68 3.30 0.20 -0.61
CA VAL A 68 4.34 -0.05 -1.60
C VAL A 68 4.96 1.26 -2.04
N LEU A 69 6.29 1.33 -1.94
CA LEU A 69 7.07 2.49 -2.35
C LEU A 69 7.80 2.13 -3.63
N ALA A 70 8.02 3.13 -4.47
CA ALA A 70 8.90 2.98 -5.63
C ALA A 70 10.29 2.54 -5.13
N PRO A 71 10.98 1.68 -5.89
CA PRO A 71 12.30 1.21 -5.40
C PRO A 71 13.29 2.34 -5.11
N GLU A 72 13.11 3.48 -5.79
CA GLU A 72 14.01 4.62 -5.68
C GLU A 72 13.52 5.67 -4.66
N HIS A 73 12.37 5.40 -4.03
CA HIS A 73 11.79 6.33 -3.06
C HIS A 73 12.80 6.70 -1.97
N ASP A 74 12.90 7.99 -1.64
CA ASP A 74 13.91 8.53 -0.73
CA ASP A 74 13.99 8.43 -0.76
C ASP A 74 13.84 8.00 0.71
N LEU A 75 12.67 7.52 1.12
CA LEU A 75 12.48 7.01 2.48
C LEU A 75 12.85 5.54 2.63
N VAL A 76 13.05 4.83 1.53
CA VAL A 76 13.32 3.39 1.60
C VAL A 76 14.51 3.07 2.49
N ASP A 77 15.63 3.74 2.26
CA ASP A 77 16.85 3.45 3.02
C ASP A 77 16.66 3.72 4.52
N GLU A 78 15.87 4.75 4.83
CA GLU A 78 15.47 5.12 6.22
C GLU A 78 14.63 4.04 6.92
N LEU A 79 13.76 3.40 6.14
CA LEU A 79 12.76 2.48 6.67
C LEU A 79 13.25 1.05 6.73
N VAL A 80 14.32 0.74 6.01
CA VAL A 80 14.87 -0.61 5.96
C VAL A 80 15.32 -1.08 7.35
N ALA A 81 14.81 -2.22 7.79
CA ALA A 81 15.18 -2.80 9.09
C ALA A 81 16.54 -3.48 9.03
N ALA A 82 17.21 -3.57 10.17
CA ALA A 82 18.53 -4.19 10.26
C ALA A 82 18.48 -5.70 10.01
N SER A 83 17.37 -6.32 10.39
CA SER A 83 17.20 -7.77 10.29
CA SER A 83 17.20 -7.77 10.28
C SER A 83 15.75 -8.12 9.94
N TRP A 84 15.54 -9.31 9.40
CA TRP A 84 14.18 -9.78 9.13
C TRP A 84 13.51 -10.10 10.45
N PRO A 85 12.22 -9.74 10.58
CA PRO A 85 11.43 -10.21 11.71
C PRO A 85 11.36 -11.73 11.75
N ALA A 86 11.21 -12.30 12.93
CA ALA A 86 11.04 -13.74 13.05
C ALA A 86 9.79 -14.17 12.27
N GLY A 87 9.89 -15.30 11.60
CA GLY A 87 8.78 -15.89 10.87
C GLY A 87 8.42 -15.23 9.55
N VAL A 88 9.32 -14.42 9.00
CA VAL A 88 9.06 -13.74 7.73
C VAL A 88 8.85 -14.74 6.59
N ASN A 89 7.84 -14.49 5.77
CA ASN A 89 7.60 -15.29 4.57
C ASN A 89 8.81 -15.17 3.63
N PRO A 90 9.43 -16.31 3.26
CA PRO A 90 10.59 -16.26 2.35
C PRO A 90 10.33 -15.58 1.00
N LEU A 91 9.07 -15.57 0.55
CA LEU A 91 8.71 -14.89 -0.68
C LEU A 91 8.93 -13.38 -0.59
N TRP A 92 9.00 -12.86 0.62
CA TRP A 92 9.11 -11.44 0.85
C TRP A 92 10.54 -10.91 0.89
N THR A 93 11.52 -11.81 0.94
CA THR A 93 12.90 -11.41 1.26
C THR A 93 13.84 -11.34 0.06
N TYR A 94 13.37 -11.71 -1.13
CA TYR A 94 14.18 -11.70 -2.35
C TYR A 94 15.43 -12.57 -2.23
N GLY A 95 15.39 -13.54 -1.32
CA GLY A 95 16.56 -14.37 -1.04
C GLY A 95 17.70 -13.68 -0.32
N GLY A 96 17.49 -12.46 0.19
CA GLY A 96 18.53 -11.71 0.85
C GLY A 96 18.63 -12.03 2.34
N GLY A 97 19.84 -12.03 2.87
CA GLY A 97 20.06 -12.40 4.28
C GLY A 97 19.56 -11.34 5.23
N THR A 98 19.56 -10.10 4.77
CA THR A 98 19.04 -8.97 5.52
C THR A 98 18.23 -8.09 4.59
N PRO A 99 17.36 -7.24 5.14
CA PRO A 99 16.59 -6.35 4.27
C PRO A 99 17.46 -5.45 3.39
N GLY A 100 18.55 -4.93 3.94
CA GLY A 100 19.43 -4.07 3.18
C GLY A 100 20.02 -4.77 1.98
N GLU A 101 20.47 -6.00 2.18
CA GLU A 101 21.03 -6.79 1.08
C GLU A 101 19.97 -7.06 0.01
N ALA A 102 18.75 -7.38 0.45
CA ALA A 102 17.65 -7.69 -0.45
C ALA A 102 17.26 -6.47 -1.29
N ILE A 103 17.20 -5.30 -0.67
CA ILE A 103 16.84 -4.08 -1.38
C ILE A 103 17.90 -3.71 -2.42
N ALA A 104 19.18 -3.84 -2.04
CA ALA A 104 20.27 -3.57 -2.96
C ALA A 104 20.22 -4.53 -4.15
N ALA A 105 19.91 -5.80 -3.87
CA ALA A 105 19.81 -6.82 -4.93
C ALA A 105 18.63 -6.53 -5.86
N TYR A 106 17.50 -6.15 -5.28
CA TYR A 106 16.30 -5.83 -6.08
C TYR A 106 16.59 -4.65 -7.02
N ARG A 107 17.22 -3.61 -6.50
CA ARG A 107 17.56 -2.44 -7.31
C ARG A 107 18.53 -2.84 -8.44
N ARG A 108 19.49 -3.71 -8.14
CA ARG A 108 20.45 -4.13 -9.15
C ARG A 108 19.77 -5.00 -10.22
N ALA A 109 18.93 -5.90 -9.78
CA ALA A 109 18.22 -6.81 -10.70
C ALA A 109 17.29 -6.08 -11.64
N ILE A 110 16.49 -5.15 -11.12
CA ILE A 110 15.49 -4.52 -11.99
C ILE A 110 16.16 -3.64 -13.04
N ALA A 111 17.41 -3.24 -12.79
CA ALA A 111 18.22 -2.52 -13.78
C ALA A 111 18.49 -3.40 -15.04
N ALA A 112 18.40 -4.72 -14.88
CA ALA A 112 18.56 -5.66 -16.01
C ALA A 112 17.26 -5.88 -16.81
N LYS A 113 16.16 -5.29 -16.36
CA LYS A 113 14.91 -5.36 -17.11
C LYS A 113 14.97 -4.40 -18.30
N SER A 114 14.21 -4.72 -19.34
CA SER A 114 14.09 -3.85 -20.51
C SER A 114 12.68 -3.30 -20.60
N ASP A 115 12.43 -2.47 -21.61
CA ASP A 115 11.07 -1.99 -21.89
C ASP A 115 10.08 -3.15 -22.00
N LEU A 116 10.54 -4.28 -22.55
CA LEU A 116 9.69 -5.44 -22.72
C LEU A 116 9.13 -5.93 -21.40
N GLU A 117 9.97 -6.02 -20.38
CA GLU A 117 9.52 -6.48 -19.07
C GLU A 117 8.64 -5.45 -18.36
N ARG A 118 9.00 -4.17 -18.47
CA ARG A 118 8.26 -3.09 -17.80
CA ARG A 118 8.25 -3.12 -17.79
C ARG A 118 6.86 -2.90 -18.38
N GLN A 119 6.67 -3.34 -19.63
CA GLN A 119 5.35 -3.27 -20.26
CA GLN A 119 5.36 -3.29 -20.29
C GLN A 119 4.55 -4.53 -19.88
N LYS A 124 4.32 -9.47 -10.88
CA LYS A 124 4.51 -8.60 -9.70
C LYS A 124 5.63 -9.11 -8.80
N THR A 125 6.70 -8.32 -8.68
CA THR A 125 7.81 -8.63 -7.80
C THR A 125 8.02 -7.50 -6.81
N GLY A 126 8.76 -7.78 -5.75
CA GLY A 126 9.00 -6.77 -4.73
C GLY A 126 9.73 -7.34 -3.55
N VAL A 127 10.00 -6.50 -2.57
CA VAL A 127 10.76 -6.86 -1.39
C VAL A 127 10.20 -6.12 -0.18
N PHE A 128 10.02 -6.86 0.91
CA PHE A 128 9.63 -6.33 2.22
C PHE A 128 10.79 -5.54 2.82
N LEU A 129 10.52 -4.36 3.37
CA LEU A 129 11.57 -3.56 3.98
C LEU A 129 11.94 -4.02 5.40
N GLY A 130 11.13 -4.91 5.97
CA GLY A 130 11.36 -5.42 7.31
C GLY A 130 10.66 -4.59 8.36
N SER A 131 9.90 -3.59 7.91
CA SER A 131 9.29 -2.61 8.80
C SER A 131 7.83 -2.37 8.43
N TYR A 132 7.13 -1.70 9.34
CA TYR A 132 5.68 -1.53 9.27
C TYR A 132 5.29 -0.07 9.37
N ALA A 133 4.15 0.25 8.77
CA ALA A 133 3.52 1.56 8.93
C ALA A 133 2.19 1.33 9.62
N ILE A 134 1.58 2.39 10.11
CA ILE A 134 0.28 2.30 10.77
C ILE A 134 -0.79 2.87 9.83
N ASN A 135 -1.80 2.05 9.55
CA ASN A 135 -2.95 2.51 8.81
C ASN A 135 -3.74 3.49 9.68
N PRO A 136 -3.90 4.73 9.21
CA PRO A 136 -4.50 5.73 10.07
C PRO A 136 -5.98 5.48 10.35
N ALA A 137 -6.67 4.73 9.49
CA ALA A 137 -8.10 4.47 9.69
C ALA A 137 -8.35 3.50 10.84
N ASN A 138 -7.62 2.39 10.84
CA ASN A 138 -7.86 1.32 11.81
C ASN A 138 -6.76 1.14 12.85
N GLY A 139 -5.69 1.92 12.72
CA GLY A 139 -4.57 1.88 13.64
C GLY A 139 -3.75 0.61 13.57
N GLU A 140 -3.98 -0.20 12.53
CA GLU A 140 -3.31 -1.50 12.39
CA GLU A 140 -3.28 -1.47 12.42
C GLU A 140 -1.96 -1.35 11.68
N PRO A 141 -0.97 -2.16 12.09
CA PRO A 141 0.29 -2.17 11.38
C PRO A 141 0.12 -2.82 10.02
N VAL A 142 0.78 -2.28 9.01
CA VAL A 142 0.80 -2.88 7.69
C VAL A 142 2.26 -2.92 7.21
N PRO A 143 2.66 -4.03 6.56
CA PRO A 143 4.03 -4.12 6.09
C PRO A 143 4.32 -3.17 4.93
N ILE A 144 5.57 -2.71 4.85
CA ILE A 144 6.03 -1.80 3.81
C ILE A 144 6.91 -2.58 2.84
N PHE A 145 6.61 -2.46 1.55
CA PHE A 145 7.39 -3.07 0.46
C PHE A 145 7.92 -2.01 -0.48
N ILE A 146 8.94 -2.36 -1.25
CA ILE A 146 9.19 -1.71 -2.54
C ILE A 146 8.81 -2.68 -3.65
N ALA A 147 8.39 -2.13 -4.78
CA ALA A 147 8.00 -2.95 -5.93
C ALA A 147 8.09 -2.08 -7.14
N ASP A 148 8.59 -2.62 -8.24
CA ASP A 148 8.76 -1.82 -9.43
C ASP A 148 7.44 -1.49 -10.16
N TYR A 149 6.31 -2.06 -9.72
CA TYR A 149 4.99 -1.62 -10.24
C TYR A 149 4.61 -0.22 -9.78
N VAL A 150 5.30 0.29 -8.76
CA VAL A 150 5.11 1.67 -8.29
C VAL A 150 6.23 2.54 -8.83
N LEU A 151 5.84 3.62 -9.51
CA LEU A 151 6.75 4.50 -10.25
C LEU A 151 7.22 5.68 -9.40
N ALA A 152 8.52 5.94 -9.39
CA ALA A 152 9.11 6.92 -8.46
C ALA A 152 8.67 8.36 -8.67
N GLY A 153 8.50 8.76 -9.91
CA GLY A 153 8.19 10.14 -10.26
C GLY A 153 6.73 10.45 -10.57
N TYR A 154 5.83 9.63 -10.03
CA TYR A 154 4.39 9.83 -10.21
C TYR A 154 3.69 9.88 -8.85
N GLY A 155 2.73 10.78 -8.71
CA GLY A 155 2.01 10.92 -7.44
C GLY A 155 2.97 11.32 -6.35
N THR A 156 3.06 10.52 -5.29
CA THR A 156 4.04 10.73 -4.24
C THR A 156 5.14 9.66 -4.30
N GLY A 157 5.08 8.78 -5.29
CA GLY A 157 6.00 7.66 -5.38
C GLY A 157 5.70 6.54 -4.39
N ALA A 158 4.54 6.62 -3.75
CA ALA A 158 4.10 5.57 -2.85
C ALA A 158 2.60 5.39 -2.91
N ILE A 159 2.15 4.15 -2.72
CA ILE A 159 0.73 3.81 -2.72
C ILE A 159 0.34 3.11 -1.43
N MET A 160 -0.95 3.20 -1.10
CA MET A 160 -1.55 2.22 -0.19
C MET A 160 -2.10 1.10 -1.08
N ALA A 161 -1.87 -0.14 -0.67
CA ALA A 161 -2.33 -1.26 -1.47
C ALA A 161 -3.62 -1.82 -0.89
N VAL A 162 -4.63 -1.91 -1.74
CA VAL A 162 -5.96 -2.37 -1.38
C VAL A 162 -6.29 -3.52 -2.32
N PRO A 163 -5.82 -4.73 -1.98
CA PRO A 163 -6.00 -5.87 -2.89
C PRO A 163 -7.45 -6.21 -3.19
N GLY A 164 -8.35 -5.92 -2.27
CA GLY A 164 -9.77 -6.15 -2.51
C GLY A 164 -10.34 -5.39 -3.70
N HIS A 165 -9.74 -4.25 -4.06
CA HIS A 165 -10.39 -3.29 -4.96
C HIS A 165 -9.53 -2.68 -6.03
N ASP A 166 -8.27 -3.10 -6.10
CA ASP A 166 -7.34 -2.71 -7.13
C ASP A 166 -6.69 -4.00 -7.61
N GLN A 167 -6.90 -4.36 -8.87
CA GLN A 167 -6.43 -5.63 -9.39
C GLN A 167 -4.91 -5.77 -9.36
N ARG A 168 -4.20 -4.65 -9.48
CA ARG A 168 -2.74 -4.67 -9.41
C ARG A 168 -2.30 -5.10 -8.00
N ASP A 169 -2.99 -4.58 -6.99
CA ASP A 169 -2.71 -4.96 -5.61
C ASP A 169 -3.18 -6.37 -5.28
N TRP A 170 -4.29 -6.79 -5.90
CA TRP A 170 -4.83 -8.13 -5.74
C TRP A 170 -3.78 -9.13 -6.23
N ASP A 171 -3.25 -8.86 -7.41
CA ASP A 171 -2.25 -9.76 -8.00
C ASP A 171 -1.00 -9.87 -7.12
N PHE A 172 -0.53 -8.74 -6.61
CA PHE A 172 0.66 -8.72 -5.76
C PHE A 172 0.37 -9.48 -4.46
N ALA A 173 -0.79 -9.22 -3.88
CA ALA A 173 -1.15 -9.85 -2.62
C ALA A 173 -1.27 -11.37 -2.76
N ARG A 174 -1.81 -11.82 -3.89
CA ARG A 174 -1.90 -13.26 -4.13
C ARG A 174 -0.52 -13.87 -4.29
N ALA A 175 0.39 -13.17 -4.97
CA ALA A 175 1.75 -13.67 -5.21
C ALA A 175 2.58 -13.71 -3.91
N PHE A 176 2.30 -12.81 -2.97
CA PHE A 176 3.08 -12.69 -1.75
C PHE A 176 2.40 -13.23 -0.50
N GLY A 177 1.13 -13.61 -0.60
CA GLY A 177 0.39 -14.07 0.56
C GLY A 177 0.10 -12.95 1.54
N LEU A 178 -0.34 -11.81 1.01
CA LEU A 178 -0.75 -10.69 1.84
C LEU A 178 -2.26 -10.70 2.01
N PRO A 179 -2.77 -10.08 3.09
CA PRO A 179 -4.20 -10.10 3.35
C PRO A 179 -5.01 -9.34 2.30
N ILE A 180 -6.16 -9.91 1.94
CA ILE A 180 -7.08 -9.31 0.97
C ILE A 180 -8.41 -9.12 1.69
N VAL A 181 -8.82 -7.86 1.83
CA VAL A 181 -9.94 -7.46 2.66
C VAL A 181 -10.97 -6.72 1.82
N GLU A 182 -12.23 -7.13 1.96
CA GLU A 182 -13.33 -6.46 1.27
C GLU A 182 -13.82 -5.28 2.08
N VAL A 183 -13.81 -4.11 1.48
CA VAL A 183 -14.46 -2.93 2.08
C VAL A 183 -15.58 -2.33 1.24
N ILE A 184 -15.68 -2.73 -0.03
CA ILE A 184 -16.77 -2.30 -0.90
C ILE A 184 -17.54 -3.55 -1.31
N ALA A 185 -18.77 -3.69 -0.83
CA ALA A 185 -19.64 -4.79 -1.23
C ALA A 185 -20.11 -4.57 -2.65
N GLY A 186 -20.22 -5.65 -3.41
CA GLY A 186 -20.64 -5.57 -4.80
C GLY A 186 -20.07 -6.65 -5.68
N GLY A 187 -18.88 -7.14 -5.35
CA GLY A 187 -18.21 -8.16 -6.13
C GLY A 187 -17.87 -9.39 -5.32
N ASN A 188 -16.82 -10.08 -5.75
CA ASN A 188 -16.39 -11.32 -5.13
C ASN A 188 -14.86 -11.32 -5.08
N ILE A 189 -14.30 -10.86 -3.98
CA ILE A 189 -12.87 -10.63 -3.88
C ILE A 189 -12.06 -11.92 -3.92
N SER A 190 -12.73 -13.08 -3.74
CA SER A 190 -12.03 -14.35 -3.84
C SER A 190 -11.67 -14.66 -5.29
N GLU A 191 -12.35 -14.03 -6.25
CA GLU A 191 -12.04 -14.27 -7.67
C GLU A 191 -11.27 -13.13 -8.35
N SER A 192 -11.57 -11.89 -7.97
CA SER A 192 -10.85 -10.74 -8.54
C SER A 192 -11.12 -9.53 -7.70
N ALA A 193 -10.32 -8.49 -7.89
CA ALA A 193 -10.60 -7.20 -7.24
C ALA A 193 -11.94 -6.69 -7.72
N TYR A 194 -12.72 -6.11 -6.81
CA TYR A 194 -13.97 -5.47 -7.18
C TYR A 194 -13.73 -3.96 -7.29
N THR A 195 -13.82 -3.41 -8.50
CA THR A 195 -13.40 -2.05 -8.80
C THR A 195 -14.55 -1.05 -8.92
N GLY A 196 -15.79 -1.55 -8.84
CA GLY A 196 -16.96 -0.71 -9.07
C GLY A 196 -17.54 -0.03 -7.85
N ASP A 197 -18.70 0.56 -8.03
CA ASP A 197 -19.42 1.22 -6.96
C ASP A 197 -20.03 0.19 -6.02
N GLY A 198 -20.49 0.62 -4.85
CA GLY A 198 -21.03 -0.34 -3.90
C GLY A 198 -21.35 0.29 -2.59
N ILE A 199 -21.28 -0.53 -1.55
CA ILE A 199 -21.68 -0.15 -0.20
C ILE A 199 -20.55 -0.54 0.73
N LEU A 200 -20.14 0.41 1.57
CA LEU A 200 -19.02 0.19 2.48
C LEU A 200 -19.32 -0.85 3.56
N VAL A 201 -18.34 -1.74 3.75
CA VAL A 201 -18.38 -2.77 4.77
C VAL A 201 -17.00 -2.83 5.45
N ASN A 202 -16.97 -3.36 6.66
CA ASN A 202 -15.72 -3.56 7.41
C ASN A 202 -14.92 -2.26 7.55
N SER A 203 -15.64 -1.15 7.65
CA SER A 203 -15.07 0.20 7.59
C SER A 203 -15.67 1.16 8.64
N ASP A 204 -16.07 0.59 9.77
CA ASP A 204 -16.48 1.37 10.94
C ASP A 204 -17.47 2.49 10.57
N TYR A 205 -17.09 3.76 10.74
CA TYR A 205 -18.01 4.90 10.55
C TYR A 205 -18.36 5.17 9.09
N LEU A 206 -17.75 4.43 8.16
CA LEU A 206 -18.14 4.49 6.76
C LEU A 206 -19.22 3.47 6.38
N ASN A 207 -19.46 2.49 7.25
CA ASN A 207 -20.31 1.35 6.89
C ASN A 207 -21.69 1.78 6.41
N GLY A 208 -22.11 1.21 5.29
CA GLY A 208 -23.43 1.49 4.70
C GLY A 208 -23.43 2.60 3.67
N MET A 209 -22.36 3.38 3.62
CA MET A 209 -22.25 4.49 2.68
C MET A 209 -21.98 4.00 1.28
N SER A 210 -22.41 4.79 0.31
CA SER A 210 -21.98 4.62 -1.07
C SER A 210 -20.52 5.01 -1.20
N VAL A 211 -19.89 4.65 -2.31
CA VAL A 211 -18.51 5.05 -2.55
C VAL A 211 -18.31 6.59 -2.54
N PRO A 212 -19.13 7.37 -3.28
CA PRO A 212 -18.94 8.81 -3.25
C PRO A 212 -19.10 9.43 -1.86
N ALA A 213 -20.09 8.96 -1.10
CA ALA A 213 -20.30 9.43 0.27
C ALA A 213 -19.12 9.05 1.17
N ALA A 214 -18.62 7.83 1.03
CA ALA A 214 -17.49 7.38 1.83
C ALA A 214 -16.21 8.17 1.50
N LYS A 215 -16.00 8.53 0.24
CA LYS A 215 -14.85 9.34 -0.14
C LYS A 215 -14.87 10.69 0.59
N ARG A 216 -16.06 11.30 0.65
CA ARG A 216 -16.18 12.59 1.33
CA ARG A 216 -16.22 12.58 1.35
C ARG A 216 -16.00 12.42 2.85
N ALA A 217 -16.60 11.38 3.42
CA ALA A 217 -16.51 11.15 4.86
C ALA A 217 -15.08 10.91 5.31
N ILE A 218 -14.34 10.08 4.57
CA ILE A 218 -12.98 9.74 4.98
C ILE A 218 -12.02 10.92 4.81
N VAL A 219 -12.23 11.75 3.79
CA VAL A 219 -11.42 12.96 3.64
C VAL A 219 -11.69 13.90 4.82
N ASP A 220 -12.95 14.03 5.20
CA ASP A 220 -13.32 14.84 6.37
CA ASP A 220 -13.28 14.86 6.35
C ASP A 220 -12.55 14.36 7.59
N ARG A 221 -12.54 13.03 7.78
CA ARG A 221 -11.86 12.45 8.92
C ARG A 221 -10.35 12.71 8.84
N LEU A 222 -9.76 12.51 7.65
CA LEU A 222 -8.34 12.78 7.45
C LEU A 222 -8.00 14.23 7.76
N GLU A 223 -8.85 15.14 7.31
CA GLU A 223 -8.59 16.57 7.55
C GLU A 223 -8.73 16.92 9.02
N SER A 224 -9.72 16.35 9.69
CA SER A 224 -9.89 16.63 11.12
C SER A 224 -8.68 16.17 11.93
N ALA A 225 -8.06 15.07 11.51
CA ALA A 225 -6.89 14.52 12.18
C ALA A 225 -5.58 15.16 11.71
N GLY A 226 -5.64 15.93 10.63
CA GLY A 226 -4.45 16.56 10.05
C GLY A 226 -3.58 15.61 9.26
N ARG A 227 -4.15 14.52 8.75
CA ARG A 227 -3.37 13.44 8.13
C ARG A 227 -3.65 13.23 6.64
N GLY A 228 -4.42 14.11 6.03
CA GLY A 228 -4.64 14.01 4.59
C GLY A 228 -5.44 15.16 4.00
N ARG A 229 -5.59 15.13 2.69
CA ARG A 229 -6.28 16.17 1.92
C ARG A 229 -6.90 15.55 0.68
N ALA A 230 -8.02 16.11 0.24
CA ALA A 230 -8.51 15.85 -1.10
C ALA A 230 -7.58 16.53 -2.10
N ARG A 231 -7.32 15.90 -3.24
N ARG A 231 -7.35 15.88 -3.24
CA ARG A 231 -6.51 16.50 -4.29
CA ARG A 231 -6.56 16.44 -4.34
C ARG A 231 -7.03 16.10 -5.69
C ARG A 231 -7.23 16.18 -5.67
N ILE A 232 -6.88 17.00 -6.66
CA ILE A 232 -7.32 16.78 -8.05
C ILE A 232 -6.57 15.62 -8.70
#